data_5MEZ
#
_entry.id   5MEZ
#
_cell.length_a   64.790
_cell.length_b   79.060
_cell.length_c   114.160
_cell.angle_alpha   90.00
_cell.angle_beta   90.00
_cell.angle_gamma   90.00
#
_symmetry.space_group_name_H-M   'P 21 21 21'
#
loop_
_entity.id
_entity.type
_entity.pdbx_description
1 polymer 'MH1 domain of human Smad4'
2 polymer "DNA (5'-D(P*GP*CP*AP*GP*GP*CP*TP*AP*GP*CP*CP*TP*GP*CP*A)-3')"
3 non-polymer 'ZINC ION'
4 non-polymer 'CHLORIDE ION'
5 water water
#
loop_
_entity_poly.entity_id
_entity_poly.type
_entity_poly.pdbx_seq_one_letter_code
_entity_poly.pdbx_strand_id
1 'polypeptide(L)'
;GAMGPTSNDACLSIVHSLMCHRQGGESETFAKRAIESLVKKLKEKKDELDSLITAITTNGAHPSKCVTIQRTLDGRLQVA
GRKGFPHVIYARLWRWPDLHKNELKHVKYCQYAFDLKCDSVCVNPYHYERVVSPG
;
A,B
2 'polydeoxyribonucleotide' (DT)(DG)(DC)(DA)(DG)(DG)(DC)(DT)(DA)(DG)(DC)(DC)(DT)(DG)(DC)(DA) D,E
#
loop_
_chem_comp.id
_chem_comp.type
_chem_comp.name
_chem_comp.formula
CL non-polymer 'CHLORIDE ION' 'Cl -1'
DA DNA linking 2'-DEOXYADENOSINE-5'-MONOPHOSPHATE 'C10 H14 N5 O6 P'
DC DNA linking 2'-DEOXYCYTIDINE-5'-MONOPHOSPHATE 'C9 H14 N3 O7 P'
DG DNA linking 2'-DEOXYGUANOSINE-5'-MONOPHOSPHATE 'C10 H14 N5 O7 P'
DT DNA linking THYMIDINE-5'-MONOPHOSPHATE 'C10 H15 N2 O8 P'
ZN non-polymer 'ZINC ION' 'Zn 2'
#
# COMPACT_ATOMS: atom_id res chain seq x y z
N ALA A 10 -23.91 2.35 -1.11
CA ALA A 10 -23.67 2.85 -2.48
C ALA A 10 -23.44 1.73 -3.53
N CYS A 11 -22.26 1.04 -3.51
CA CYS A 11 -21.95 -0.05 -4.44
C CYS A 11 -21.89 -1.49 -3.79
N LEU A 12 -22.99 -2.25 -3.99
CA LEU A 12 -23.34 -3.61 -3.57
C LEU A 12 -23.03 -4.59 -4.74
N SER A 13 -22.71 -4.02 -5.93
CA SER A 13 -22.36 -4.76 -7.14
C SER A 13 -20.98 -5.40 -6.97
N ILE A 14 -20.06 -4.75 -6.22
CA ILE A 14 -18.72 -5.25 -5.88
C ILE A 14 -18.88 -6.50 -4.96
N VAL A 15 -19.69 -6.39 -3.85
CA VAL A 15 -19.97 -7.47 -2.89
C VAL A 15 -20.51 -8.71 -3.63
N HIS A 16 -21.50 -8.52 -4.54
CA HIS A 16 -22.08 -9.61 -5.31
C HIS A 16 -21.05 -10.33 -6.17
N SER A 17 -20.16 -9.58 -6.88
CA SER A 17 -19.16 -10.17 -7.77
C SER A 17 -18.19 -10.96 -6.98
N LEU A 18 -17.83 -10.50 -5.73
CA LEU A 18 -16.88 -11.17 -4.84
C LEU A 18 -17.49 -12.39 -4.17
N MET A 19 -18.81 -12.34 -3.91
CA MET A 19 -19.58 -13.44 -3.32
C MET A 19 -19.59 -14.65 -4.28
N CYS A 20 -19.59 -14.40 -5.60
CA CYS A 20 -19.55 -15.44 -6.62
C CYS A 20 -18.26 -16.26 -6.61
N HIS A 21 -17.21 -15.75 -5.96
CA HIS A 21 -15.92 -16.44 -5.89
C HIS A 21 -15.65 -17.15 -4.57
N ARG A 22 -16.65 -17.14 -3.65
CA ARG A 22 -16.51 -17.81 -2.37
C ARG A 22 -16.42 -19.33 -2.57
N GLN A 23 -15.66 -19.99 -1.73
CA GLN A 23 -15.39 -21.41 -1.87
C GLN A 23 -16.35 -22.32 -1.08
N GLY A 24 -17.34 -21.74 -0.41
CA GLY A 24 -18.35 -22.47 0.35
C GLY A 24 -17.93 -23.05 1.68
N GLY A 25 -16.77 -22.66 2.19
CA GLY A 25 -16.28 -23.13 3.48
C GLY A 25 -17.00 -22.48 4.62
N GLU A 26 -17.78 -21.43 4.34
CA GLU A 26 -18.55 -20.70 5.36
C GLU A 26 -19.97 -20.57 4.89
N SER A 27 -20.86 -20.10 5.79
CA SER A 27 -22.27 -19.89 5.46
C SER A 27 -22.39 -18.69 4.56
N GLU A 28 -23.48 -18.59 3.79
CA GLU A 28 -23.72 -17.44 2.92
C GLU A 28 -23.76 -16.18 3.77
N THR A 29 -24.41 -16.24 4.97
CA THR A 29 -24.55 -15.09 5.86
C THR A 29 -23.21 -14.60 6.37
N PHE A 30 -22.33 -15.53 6.80
CA PHE A 30 -20.99 -15.17 7.28
C PHE A 30 -20.17 -14.50 6.15
N ALA A 31 -20.16 -15.12 4.94
CA ALA A 31 -19.43 -14.64 3.78
C ALA A 31 -19.89 -13.23 3.40
N LYS A 32 -21.22 -12.99 3.40
CA LYS A 32 -21.78 -11.70 3.05
C LYS A 32 -21.31 -10.64 4.03
N ARG A 33 -21.40 -10.92 5.33
CA ARG A 33 -20.91 -9.98 6.35
C ARG A 33 -19.40 -9.71 6.23
N ALA A 34 -18.58 -10.76 6.01
CA ALA A 34 -17.13 -10.61 5.85
C ALA A 34 -16.79 -9.74 4.65
N ILE A 35 -17.48 -9.95 3.50
CA ILE A 35 -17.23 -9.20 2.26
C ILE A 35 -17.71 -7.76 2.40
N GLU A 36 -18.94 -7.55 2.92
CA GLU A 36 -19.49 -6.21 3.16
C GLU A 36 -18.55 -5.38 4.07
N SER A 37 -18.05 -6.00 5.16
CA SER A 37 -17.14 -5.39 6.10
C SER A 37 -15.89 -4.93 5.39
N LEU A 38 -15.28 -5.80 4.54
CA LEU A 38 -14.05 -5.51 3.79
C LEU A 38 -14.27 -4.44 2.73
N VAL A 39 -15.33 -4.55 1.92
CA VAL A 39 -15.66 -3.58 0.86
C VAL A 39 -15.89 -2.18 1.44
N LYS A 40 -16.59 -2.07 2.59
CA LYS A 40 -16.80 -0.77 3.26
C LYS A 40 -15.47 -0.11 3.62
N LYS A 41 -14.49 -0.89 4.12
CA LYS A 41 -13.17 -0.40 4.51
C LYS A 41 -12.33 0.06 3.31
N LEU A 42 -12.61 -0.47 2.10
CA LEU A 42 -11.86 -0.16 0.89
C LEU A 42 -12.59 0.83 -0.02
N LYS A 43 -13.78 1.34 0.45
CA LYS A 43 -14.65 2.28 -0.27
C LYS A 43 -13.92 3.53 -0.71
N GLU A 44 -13.01 4.06 0.13
CA GLU A 44 -12.25 5.26 -0.23
C GLU A 44 -10.78 4.94 -0.57
N LYS A 45 -10.47 3.65 -0.85
CA LYS A 45 -9.13 3.19 -1.25
C LYS A 45 -9.25 2.46 -2.61
N LYS A 46 -9.60 3.22 -3.66
CA LYS A 46 -9.83 2.76 -5.04
C LYS A 46 -8.84 1.74 -5.57
N ASP A 47 -7.54 2.04 -5.52
CA ASP A 47 -6.48 1.13 -5.98
C ASP A 47 -6.52 -0.24 -5.34
N GLU A 48 -6.68 -0.27 -3.98
CA GLU A 48 -6.72 -1.48 -3.15
C GLU A 48 -7.93 -2.32 -3.43
N LEU A 49 -9.08 -1.67 -3.65
CA LEU A 49 -10.32 -2.34 -3.97
C LEU A 49 -10.22 -2.99 -5.32
N ASP A 50 -9.69 -2.26 -6.33
CA ASP A 50 -9.52 -2.76 -7.71
C ASP A 50 -8.52 -3.92 -7.76
N SER A 51 -7.45 -3.85 -6.94
CA SER A 51 -6.42 -4.89 -6.80
C SER A 51 -7.08 -6.15 -6.24
N LEU A 52 -7.99 -6.03 -5.24
CA LEU A 52 -8.72 -7.15 -4.66
C LEU A 52 -9.65 -7.79 -5.70
N ILE A 53 -10.53 -7.00 -6.36
CA ILE A 53 -11.46 -7.51 -7.35
C ILE A 53 -10.70 -8.23 -8.48
N THR A 54 -9.63 -7.59 -8.99
CA THR A 54 -8.89 -8.20 -10.08
C THR A 54 -8.15 -9.45 -9.64
N ALA A 55 -7.51 -9.44 -8.45
CA ALA A 55 -6.77 -10.60 -7.92
C ALA A 55 -7.68 -11.80 -7.73
N ILE A 56 -8.90 -11.63 -7.14
CA ILE A 56 -9.88 -12.70 -6.88
C ILE A 56 -10.35 -13.33 -8.20
N THR A 57 -10.86 -12.49 -9.11
CA THR A 57 -11.42 -12.84 -10.44
C THR A 57 -10.43 -13.60 -11.35
N THR A 58 -9.18 -13.13 -11.41
CA THR A 58 -8.14 -13.71 -12.27
C THR A 58 -7.31 -14.79 -11.57
N ASN A 59 -7.72 -15.19 -10.36
CA ASN A 59 -7.06 -16.20 -9.55
C ASN A 59 -5.55 -15.91 -9.35
N GLY A 60 -5.27 -14.65 -9.01
CA GLY A 60 -3.92 -14.15 -8.74
C GLY A 60 -2.91 -14.47 -9.82
N ALA A 61 -3.34 -14.34 -11.10
CA ALA A 61 -2.55 -14.61 -12.30
C ALA A 61 -1.32 -13.71 -12.36
N HIS A 62 -1.54 -12.40 -12.19
CA HIS A 62 -0.46 -11.39 -12.21
C HIS A 62 -0.25 -10.83 -10.82
N PRO A 63 0.96 -10.34 -10.45
CA PRO A 63 1.11 -9.71 -9.12
C PRO A 63 0.10 -8.59 -8.90
N SER A 64 -0.44 -8.55 -7.69
CA SER A 64 -1.44 -7.60 -7.26
C SER A 64 -0.90 -6.82 -6.07
N LYS A 65 -1.49 -5.66 -5.80
CA LYS A 65 -1.06 -4.81 -4.69
C LYS A 65 -1.66 -5.33 -3.41
N CYS A 66 -1.12 -4.88 -2.28
CA CYS A 66 -1.65 -5.21 -0.97
C CYS A 66 -3.04 -4.63 -0.83
N VAL A 67 -3.91 -5.34 -0.13
CA VAL A 67 -5.28 -4.99 0.16
C VAL A 67 -5.31 -4.97 1.68
N THR A 68 -5.22 -3.80 2.29
CA THR A 68 -5.07 -3.69 3.73
C THR A 68 -6.26 -3.14 4.48
N ILE A 69 -6.36 -3.55 5.74
CA ILE A 69 -7.34 -3.11 6.70
C ILE A 69 -6.58 -2.79 7.99
N GLN A 70 -7.18 -2.04 8.92
CA GLN A 70 -6.54 -1.64 10.17
C GLN A 70 -6.36 -2.84 11.06
N ARG A 71 -5.18 -2.96 11.70
CA ARG A 71 -4.86 -4.07 12.59
C ARG A 71 -5.46 -3.82 13.94
N THR A 72 -6.05 -4.84 14.57
CA THR A 72 -6.61 -4.69 15.92
C THR A 72 -5.45 -4.97 16.90
N LEU A 73 -5.65 -4.69 18.20
CA LEU A 73 -4.59 -4.92 19.20
C LEU A 73 -4.11 -6.36 19.23
N ASP A 74 -5.06 -7.31 19.23
CA ASP A 74 -4.73 -8.74 19.31
C ASP A 74 -4.63 -9.39 17.94
N GLY A 75 -4.92 -8.66 16.87
CA GLY A 75 -4.81 -9.18 15.52
C GLY A 75 -6.08 -9.80 14.98
N ARG A 76 -7.04 -10.17 15.86
CA ARG A 76 -8.29 -10.78 15.40
C ARG A 76 -9.31 -9.76 14.94
N LEU A 77 -10.10 -10.16 13.96
CA LEU A 77 -11.22 -9.42 13.36
C LEU A 77 -12.50 -10.15 13.77
N GLN A 78 -13.54 -9.41 14.17
CA GLN A 78 -14.84 -10.00 14.49
C GLN A 78 -15.79 -9.75 13.34
N VAL A 79 -16.38 -10.85 12.83
CA VAL A 79 -17.37 -10.84 11.75
C VAL A 79 -18.53 -11.72 12.22
N ALA A 80 -19.73 -11.17 12.25
CA ALA A 80 -20.94 -11.88 12.67
C ALA A 80 -20.78 -12.69 13.98
N GLY A 81 -20.21 -12.03 14.98
CA GLY A 81 -19.98 -12.62 16.29
C GLY A 81 -18.81 -13.56 16.43
N ARG A 82 -18.12 -13.85 15.31
CA ARG A 82 -16.98 -14.76 15.31
C ARG A 82 -15.65 -14.00 15.16
N LYS A 83 -14.63 -14.37 15.96
CA LYS A 83 -13.30 -13.77 15.86
C LYS A 83 -12.32 -14.70 15.18
N GLY A 84 -11.48 -14.13 14.32
CA GLY A 84 -10.44 -14.86 13.62
C GLY A 84 -9.44 -13.90 13.01
N PHE A 85 -8.29 -14.42 12.60
CA PHE A 85 -7.30 -13.55 11.96
C PHE A 85 -7.82 -13.10 10.58
N PRO A 86 -7.72 -11.80 10.25
CA PRO A 86 -8.33 -11.30 9.01
C PRO A 86 -7.78 -11.92 7.73
N HIS A 87 -6.46 -12.14 7.65
CA HIS A 87 -5.87 -12.76 6.45
C HIS A 87 -6.39 -14.20 6.27
N VAL A 88 -6.66 -14.89 7.41
CA VAL A 88 -7.18 -16.26 7.44
C VAL A 88 -8.65 -16.29 6.96
N ILE A 89 -9.49 -15.38 7.50
CA ILE A 89 -10.90 -15.26 7.13
C ILE A 89 -11.05 -15.11 5.59
N TYR A 90 -10.30 -14.19 4.96
CA TYR A 90 -10.42 -13.94 3.53
C TYR A 90 -9.69 -14.98 2.67
N ALA A 91 -8.67 -15.67 3.21
CA ALA A 91 -7.99 -16.72 2.45
C ALA A 91 -8.89 -17.95 2.43
N ARG A 92 -9.64 -18.21 3.53
CA ARG A 92 -10.58 -19.33 3.65
C ARG A 92 -11.73 -19.12 2.69
N LEU A 93 -12.22 -17.88 2.65
CA LEU A 93 -13.35 -17.45 1.85
C LEU A 93 -13.13 -17.56 0.34
N TRP A 94 -11.96 -17.14 -0.16
CA TRP A 94 -11.71 -17.13 -1.62
C TRP A 94 -10.71 -18.15 -2.17
N ARG A 95 -9.96 -18.83 -1.30
CA ARG A 95 -8.93 -19.77 -1.77
C ARG A 95 -8.97 -21.16 -1.14
N TRP A 96 -8.96 -21.24 0.18
CA TRP A 96 -8.89 -22.52 0.86
C TRP A 96 -10.02 -22.66 1.88
N PRO A 97 -11.17 -23.27 1.47
CA PRO A 97 -12.31 -23.39 2.40
C PRO A 97 -12.05 -24.21 3.66
N ASP A 98 -11.08 -25.12 3.60
CA ASP A 98 -10.69 -26.03 4.67
C ASP A 98 -9.51 -25.49 5.49
N LEU A 99 -9.06 -24.24 5.22
CA LEU A 99 -7.90 -23.63 5.85
C LEU A 99 -7.94 -23.63 7.36
N HIS A 100 -6.84 -24.07 7.99
CA HIS A 100 -6.73 -24.11 9.46
C HIS A 100 -5.74 -23.09 9.96
N LYS A 101 -5.55 -23.04 11.29
CA LYS A 101 -4.63 -22.13 11.96
C LYS A 101 -3.18 -22.44 11.60
N ASN A 102 -2.37 -21.38 11.46
CA ASN A 102 -0.93 -21.40 11.18
C ASN A 102 -0.57 -22.17 9.89
N GLU A 103 -1.43 -22.07 8.87
CA GLU A 103 -1.22 -22.71 7.57
C GLU A 103 -0.91 -21.68 6.45
N LEU A 104 -0.64 -20.42 6.83
CA LEU A 104 -0.34 -19.34 5.87
C LEU A 104 1.03 -18.75 6.06
N LYS A 105 1.68 -18.50 4.94
CA LYS A 105 3.00 -17.86 4.89
C LYS A 105 2.93 -16.82 3.80
N HIS A 106 3.32 -15.58 4.14
CA HIS A 106 3.25 -14.48 3.18
C HIS A 106 4.31 -14.55 2.10
N VAL A 107 3.94 -14.02 0.91
CA VAL A 107 4.79 -13.93 -0.28
C VAL A 107 5.80 -12.82 0.00
N LYS A 108 7.01 -12.93 -0.60
CA LYS A 108 8.11 -11.99 -0.46
C LYS A 108 7.74 -10.53 -0.75
N TYR A 109 6.90 -10.28 -1.79
CA TYR A 109 6.58 -8.91 -2.15
C TYR A 109 5.44 -8.25 -1.31
N CYS A 110 4.88 -8.97 -0.34
CA CYS A 110 3.82 -8.40 0.48
C CYS A 110 4.43 -7.49 1.57
N GLN A 111 4.03 -6.21 1.55
CA GLN A 111 4.50 -5.13 2.43
C GLN A 111 3.78 -5.00 3.77
N TYR A 112 2.54 -5.52 3.84
CA TYR A 112 1.72 -5.37 5.05
C TYR A 112 1.25 -6.71 5.61
N ALA A 113 2.06 -7.76 5.40
CA ALA A 113 1.81 -9.12 5.88
C ALA A 113 1.47 -9.14 7.36
N PHE A 114 0.55 -10.06 7.74
CA PHE A 114 0.09 -10.22 9.11
C PHE A 114 1.22 -10.24 10.14
N ASP A 115 2.29 -11.04 9.84
CA ASP A 115 3.50 -11.25 10.65
C ASP A 115 4.31 -10.00 10.94
N LEU A 116 4.23 -8.97 10.07
CA LEU A 116 4.99 -7.74 10.20
C LEU A 116 4.51 -6.83 11.34
N LYS A 117 3.29 -7.07 11.87
CA LYS A 117 2.66 -6.31 12.98
C LYS A 117 2.75 -4.75 12.74
N CYS A 118 2.33 -4.31 11.53
CA CYS A 118 2.24 -2.93 11.06
C CYS A 118 0.94 -2.34 11.63
N ASP A 119 0.56 -1.16 11.21
CA ASP A 119 -0.72 -0.54 11.57
C ASP A 119 -1.83 -1.24 10.73
N SER A 120 -1.44 -1.75 9.55
CA SER A 120 -2.27 -2.35 8.55
C SER A 120 -1.91 -3.80 8.28
N VAL A 121 -2.93 -4.60 7.95
CA VAL A 121 -2.82 -6.02 7.68
C VAL A 121 -3.27 -6.26 6.26
N CYS A 122 -2.41 -6.88 5.44
CA CYS A 122 -2.82 -7.23 4.10
C CYS A 122 -3.71 -8.50 4.15
N VAL A 123 -4.92 -8.41 3.55
CA VAL A 123 -5.90 -9.47 3.49
C VAL A 123 -6.05 -10.01 2.05
N ASN A 124 -5.10 -9.65 1.17
CA ASN A 124 -5.10 -10.16 -0.20
C ASN A 124 -4.76 -11.66 -0.11
N PRO A 125 -5.71 -12.59 -0.43
CA PRO A 125 -5.40 -14.02 -0.28
C PRO A 125 -4.26 -14.52 -1.18
N TYR A 126 -3.96 -13.80 -2.26
CA TYR A 126 -2.86 -14.14 -3.18
C TYR A 126 -1.51 -13.56 -2.74
N HIS A 127 -1.48 -12.99 -1.52
CA HIS A 127 -0.26 -12.49 -0.89
C HIS A 127 0.19 -13.46 0.19
N TYR A 128 -0.49 -14.63 0.24
CA TYR A 128 -0.24 -15.73 1.17
C TYR A 128 -0.24 -17.02 0.38
N GLU A 129 0.60 -17.95 0.82
CA GLU A 129 0.71 -19.29 0.24
C GLU A 129 0.41 -20.28 1.37
N ARG A 130 -0.24 -21.41 1.04
CA ARG A 130 -0.57 -22.42 2.04
C ARG A 130 0.65 -23.27 2.37
N VAL A 131 0.86 -23.51 3.66
CA VAL A 131 1.96 -24.33 4.20
C VAL A 131 1.42 -25.36 5.22
N VAL A 132 2.22 -26.39 5.53
CA VAL A 132 1.81 -27.38 6.52
C VAL A 132 2.12 -26.80 7.91
N SER A 133 1.18 -26.91 8.87
CA SER A 133 1.38 -26.40 10.23
C SER A 133 2.47 -27.25 10.96
N PRO A 134 3.47 -26.61 11.65
CA PRO A 134 4.55 -27.39 12.30
C PRO A 134 4.08 -28.59 13.11
N ALA B 10 3.99 19.22 15.34
CA ALA B 10 3.36 17.99 14.87
C ALA B 10 3.98 17.62 13.52
N CYS B 11 3.42 18.18 12.41
CA CYS B 11 3.91 18.04 11.04
C CYS B 11 5.14 18.92 10.89
N LEU B 12 5.13 20.15 11.47
CA LEU B 12 6.29 21.04 11.45
C LEU B 12 7.58 20.34 11.96
N SER B 13 7.44 19.51 13.02
CA SER B 13 8.58 18.76 13.60
C SER B 13 9.15 17.73 12.60
N ILE B 14 8.24 17.04 11.86
CA ILE B 14 8.50 16.01 10.82
C ILE B 14 9.17 16.66 9.62
N VAL B 15 8.60 17.77 9.13
CA VAL B 15 9.13 18.52 7.98
C VAL B 15 10.58 18.81 8.18
N HIS B 16 10.89 19.48 9.30
CA HIS B 16 12.24 19.88 9.61
C HIS B 16 13.25 18.72 9.58
N SER B 17 12.90 17.57 10.17
CA SER B 17 13.77 16.37 10.14
C SER B 17 14.05 15.89 8.70
N LEU B 18 13.04 16.00 7.81
CA LEU B 18 13.13 15.59 6.42
C LEU B 18 13.91 16.58 5.57
N MET B 19 13.83 17.89 5.94
CA MET B 19 14.56 19.01 5.30
C MET B 19 16.06 18.84 5.52
N CYS B 20 16.47 18.25 6.66
CA CYS B 20 17.87 17.99 6.99
C CYS B 20 18.53 17.00 6.03
N HIS B 21 17.73 16.24 5.27
CA HIS B 21 18.25 15.24 4.34
C HIS B 21 18.24 15.69 2.88
N ARG B 22 17.84 16.95 2.62
CA ARG B 22 17.80 17.48 1.26
C ARG B 22 19.21 17.63 0.68
N GLN B 23 19.32 17.41 -0.62
CA GLN B 23 20.60 17.40 -1.31
C GLN B 23 21.00 18.74 -1.97
N GLY B 24 20.18 19.77 -1.80
CA GLY B 24 20.44 21.09 -2.35
C GLY B 24 20.22 21.28 -3.84
N GLY B 25 19.53 20.34 -4.47
CA GLY B 25 19.18 20.41 -5.89
C GLY B 25 18.04 21.37 -6.16
N GLU B 26 17.46 21.98 -5.11
CA GLU B 26 16.38 22.95 -5.21
C GLU B 26 16.63 24.03 -4.16
N SER B 27 15.94 25.17 -4.27
CA SER B 27 16.01 26.24 -3.28
C SER B 27 15.36 25.74 -1.98
N GLU B 28 15.73 26.33 -0.82
CA GLU B 28 15.17 25.98 0.50
C GLU B 28 13.65 26.15 0.51
N THR B 29 13.15 27.25 -0.11
CA THR B 29 11.71 27.54 -0.18
C THR B 29 10.96 26.46 -0.93
N PHE B 30 11.47 26.05 -2.11
CA PHE B 30 10.83 24.99 -2.89
C PHE B 30 10.80 23.66 -2.14
N ALA B 31 11.94 23.25 -1.55
CA ALA B 31 12.08 22.02 -0.77
C ALA B 31 11.09 22.00 0.38
N LYS B 32 10.95 23.13 1.12
CA LYS B 32 10.03 23.24 2.24
C LYS B 32 8.60 23.05 1.74
N ARG B 33 8.26 23.72 0.62
CA ARG B 33 6.96 23.62 -0.04
C ARG B 33 6.64 22.17 -0.44
N ALA B 34 7.59 21.45 -1.06
CA ALA B 34 7.47 20.06 -1.53
C ALA B 34 7.30 19.10 -0.36
N ILE B 35 8.07 19.28 0.73
CA ILE B 35 8.01 18.42 1.91
C ILE B 35 6.70 18.62 2.65
N GLU B 36 6.31 19.90 2.91
CA GLU B 36 5.05 20.25 3.56
C GLU B 36 3.87 19.62 2.81
N SER B 37 3.86 19.75 1.48
CA SER B 37 2.81 19.20 0.62
C SER B 37 2.70 17.70 0.79
N LEU B 38 3.86 16.98 0.79
CA LEU B 38 3.91 15.51 0.94
C LEU B 38 3.49 15.07 2.33
N VAL B 39 4.03 15.70 3.38
CA VAL B 39 3.73 15.38 4.77
C VAL B 39 2.24 15.55 5.05
N LYS B 40 1.61 16.63 4.56
CA LYS B 40 0.18 16.87 4.74
C LYS B 40 -0.65 15.73 4.16
N LYS B 41 -0.27 15.21 2.97
CA LYS B 41 -0.95 14.11 2.28
C LYS B 41 -0.82 12.78 3.03
N LEU B 42 0.25 12.62 3.83
CA LEU B 42 0.54 11.38 4.56
C LEU B 42 0.14 11.47 6.05
N LYS B 43 -0.44 12.62 6.46
CA LYS B 43 -0.88 12.90 7.85
C LYS B 43 -1.83 11.84 8.39
N GLU B 44 -2.73 11.32 7.54
CA GLU B 44 -3.70 10.29 7.95
C GLU B 44 -3.30 8.86 7.47
N LYS B 45 -2.04 8.71 6.97
CA LYS B 45 -1.49 7.44 6.48
C LYS B 45 -0.21 7.11 7.26
N LYS B 46 -0.37 6.83 8.58
CA LYS B 46 0.70 6.55 9.56
C LYS B 46 1.82 5.64 9.04
N ASP B 47 1.47 4.42 8.58
CA ASP B 47 2.44 3.45 8.06
C ASP B 47 3.35 3.98 6.97
N GLU B 48 2.76 4.61 5.94
CA GLU B 48 3.47 5.21 4.81
C GLU B 48 4.36 6.37 5.21
N LEU B 49 3.89 7.25 6.14
CA LEU B 49 4.69 8.36 6.65
C LEU B 49 5.91 7.82 7.33
N ASP B 50 5.73 6.80 8.21
CA ASP B 50 6.82 6.17 8.97
C ASP B 50 7.81 5.46 8.04
N SER B 51 7.29 4.84 6.93
CA SER B 51 8.10 4.18 5.92
C SER B 51 8.99 5.20 5.23
N LEU B 52 8.44 6.40 4.92
CA LEU B 52 9.20 7.50 4.31
C LEU B 52 10.29 8.01 5.26
N ILE B 53 9.94 8.37 6.51
CA ILE B 53 10.89 8.88 7.49
C ILE B 53 12.05 7.88 7.73
N THR B 54 11.72 6.59 7.99
CA THR B 54 12.78 5.61 8.26
C THR B 54 13.57 5.29 6.99
N ALA B 55 12.97 5.36 5.77
CA ALA B 55 13.78 5.10 4.57
C ALA B 55 14.75 6.24 4.27
N ILE B 56 14.30 7.52 4.39
CA ILE B 56 15.13 8.73 4.16
C ILE B 56 16.35 8.71 5.10
N THR B 57 16.09 8.61 6.43
CA THR B 57 17.10 8.64 7.50
C THR B 57 18.12 7.50 7.43
N THR B 58 17.68 6.26 7.12
CA THR B 58 18.56 5.08 7.03
C THR B 58 19.12 4.83 5.61
N ASN B 59 18.88 5.78 4.69
CA ASN B 59 19.30 5.73 3.30
C ASN B 59 18.91 4.42 2.61
N GLY B 60 17.65 4.05 2.79
CA GLY B 60 17.07 2.85 2.19
C GLY B 60 17.86 1.57 2.40
N ALA B 61 18.37 1.39 3.64
CA ALA B 61 19.16 0.23 4.07
C ALA B 61 18.31 -1.05 3.96
N HIS B 62 17.07 -1.02 4.51
CA HIS B 62 16.11 -2.13 4.52
C HIS B 62 14.94 -1.83 3.61
N PRO B 63 14.27 -2.85 3.01
CA PRO B 63 13.10 -2.54 2.17
C PRO B 63 12.05 -1.75 2.92
N SER B 64 11.46 -0.80 2.23
CA SER B 64 10.45 0.09 2.77
C SER B 64 9.17 -0.05 1.97
N LYS B 65 8.05 0.36 2.56
CA LYS B 65 6.75 0.28 1.91
C LYS B 65 6.61 1.45 0.95
N CYS B 66 5.66 1.35 0.02
CA CYS B 66 5.37 2.42 -0.90
C CYS B 66 4.84 3.62 -0.11
N VAL B 67 5.16 4.82 -0.58
CA VAL B 67 4.76 6.10 0.00
C VAL B 67 4.01 6.73 -1.17
N THR B 68 2.67 6.67 -1.12
CA THR B 68 1.87 7.12 -2.26
C THR B 68 1.09 8.40 -2.07
N ILE B 69 0.85 9.06 -3.20
CA ILE B 69 0.06 10.29 -3.29
C ILE B 69 -0.84 10.09 -4.51
N GLN B 70 -1.91 10.89 -4.65
CA GLN B 70 -2.83 10.77 -5.78
C GLN B 70 -2.17 11.16 -7.09
N ARG B 71 -2.42 10.42 -8.16
CA ARG B 71 -1.87 10.70 -9.47
C ARG B 71 -2.79 11.70 -10.18
N THR B 72 -2.20 12.68 -10.87
CA THR B 72 -2.96 13.67 -11.65
C THR B 72 -3.12 13.06 -13.05
N LEU B 73 -3.96 13.66 -13.92
CA LEU B 73 -4.17 13.13 -15.27
C LEU B 73 -2.91 13.08 -16.12
N ASP B 74 -2.09 14.18 -16.21
CA ASP B 74 -0.85 14.17 -17.01
C ASP B 74 0.29 13.49 -16.27
N GLY B 75 0.07 13.29 -14.96
CA GLY B 75 1.01 12.70 -14.02
C GLY B 75 1.93 13.70 -13.37
N ARG B 76 1.69 15.02 -13.56
CA ARG B 76 2.53 16.07 -12.98
C ARG B 76 1.95 16.66 -11.67
N LEU B 77 2.82 16.96 -10.72
CA LEU B 77 2.48 17.54 -9.45
C LEU B 77 2.89 18.99 -9.47
N GLN B 78 2.05 19.89 -8.93
CA GLN B 78 2.40 21.31 -8.83
C GLN B 78 2.76 21.61 -7.38
N VAL B 79 3.97 22.19 -7.20
CA VAL B 79 4.51 22.61 -5.90
C VAL B 79 5.01 24.02 -6.10
N ALA B 80 4.52 24.97 -5.29
CA ALA B 80 4.92 26.38 -5.34
C ALA B 80 4.91 26.95 -6.77
N GLY B 81 3.82 26.70 -7.48
CA GLY B 81 3.64 27.18 -8.85
C GLY B 81 4.39 26.45 -9.94
N ARG B 82 5.24 25.48 -9.57
CA ARG B 82 6.05 24.70 -10.51
C ARG B 82 5.50 23.28 -10.69
N LYS B 83 5.46 22.79 -11.93
CA LYS B 83 5.00 21.43 -12.23
C LYS B 83 6.17 20.51 -12.56
N GLY B 84 6.06 19.25 -12.13
CA GLY B 84 7.04 18.21 -12.39
C GLY B 84 6.53 16.85 -11.97
N PHE B 85 7.18 15.78 -12.40
CA PHE B 85 6.73 14.44 -11.98
C PHE B 85 7.02 14.23 -10.49
N PRO B 86 6.03 13.72 -9.72
CA PRO B 86 6.23 13.63 -8.27
C PRO B 86 7.37 12.75 -7.82
N HIS B 87 7.57 11.58 -8.47
CA HIS B 87 8.67 10.68 -8.10
C HIS B 87 10.04 11.34 -8.37
N VAL B 88 10.10 12.19 -9.41
CA VAL B 88 11.29 12.93 -9.79
C VAL B 88 11.60 14.03 -8.75
N ILE B 89 10.58 14.80 -8.33
CA ILE B 89 10.72 15.90 -7.37
C ILE B 89 11.32 15.40 -6.07
N TYR B 90 10.80 14.27 -5.56
CA TYR B 90 11.28 13.74 -4.29
C TYR B 90 12.57 12.92 -4.42
N ALA B 91 12.87 12.34 -5.59
CA ALA B 91 14.12 11.60 -5.77
C ALA B 91 15.26 12.63 -5.92
N ARG B 92 14.96 13.75 -6.60
CA ARG B 92 15.89 14.86 -6.76
C ARG B 92 16.21 15.46 -5.40
N LEU B 93 15.19 15.69 -4.58
CA LEU B 93 15.26 16.28 -3.26
C LEU B 93 16.10 15.51 -2.23
N TRP B 94 15.94 14.18 -2.18
CA TRP B 94 16.62 13.40 -1.15
C TRP B 94 17.77 12.47 -1.63
N ARG B 95 17.88 12.19 -2.95
CA ARG B 95 18.90 11.27 -3.42
C ARG B 95 19.81 11.80 -4.50
N TRP B 96 19.25 12.33 -5.59
CA TRP B 96 20.03 12.78 -6.74
C TRP B 96 19.73 14.22 -7.10
N PRO B 97 20.51 15.20 -6.57
CA PRO B 97 20.22 16.61 -6.87
C PRO B 97 20.33 17.03 -8.33
N ASP B 98 21.09 16.28 -9.09
CA ASP B 98 21.36 16.51 -10.51
C ASP B 98 20.44 15.71 -11.43
N LEU B 99 19.46 14.94 -10.86
CA LEU B 99 18.51 14.08 -11.59
C LEU B 99 17.83 14.77 -12.76
N HIS B 100 17.77 14.12 -13.92
CA HIS B 100 17.12 14.64 -15.13
C HIS B 100 15.95 13.76 -15.57
N LYS B 101 15.31 14.14 -16.68
CA LYS B 101 14.20 13.44 -17.31
C LYS B 101 14.61 12.04 -17.79
N ASN B 102 13.71 11.06 -17.61
CA ASN B 102 13.84 9.67 -18.06
C ASN B 102 15.11 8.95 -17.52
N GLU B 103 15.49 9.27 -16.26
CA GLU B 103 16.65 8.67 -15.58
C GLU B 103 16.26 7.75 -14.40
N LEU B 104 14.93 7.51 -14.16
CA LEU B 104 14.40 6.72 -13.03
C LEU B 104 13.66 5.45 -13.43
N LYS B 105 14.13 4.31 -12.92
CA LYS B 105 13.53 3.00 -13.18
C LYS B 105 13.11 2.44 -11.83
N HIS B 106 11.83 2.02 -11.71
CA HIS B 106 11.35 1.49 -10.44
C HIS B 106 11.89 0.12 -10.10
N VAL B 107 12.01 -0.14 -8.79
CA VAL B 107 12.46 -1.40 -8.21
C VAL B 107 11.33 -2.41 -8.40
N LYS B 108 11.68 -3.70 -8.52
CA LYS B 108 10.74 -4.80 -8.73
C LYS B 108 9.60 -4.86 -7.68
N TYR B 109 9.90 -4.59 -6.39
CA TYR B 109 8.88 -4.71 -5.36
C TYR B 109 7.96 -3.45 -5.20
N CYS B 110 8.15 -2.41 -6.03
CA CYS B 110 7.29 -1.24 -5.91
C CYS B 110 5.95 -1.48 -6.62
N GLN B 111 4.84 -1.35 -5.84
CA GLN B 111 3.45 -1.61 -6.25
C GLN B 111 2.75 -0.43 -6.91
N TYR B 112 3.19 0.79 -6.62
CA TYR B 112 2.53 2.00 -7.13
C TYR B 112 3.48 2.89 -7.91
N ALA B 113 4.47 2.28 -8.55
CA ALA B 113 5.46 3.00 -9.33
C ALA B 113 4.79 3.87 -10.38
N PHE B 114 5.38 5.03 -10.63
CA PHE B 114 4.87 6.04 -11.56
C PHE B 114 4.45 5.49 -12.93
N ASP B 115 5.27 4.64 -13.54
CA ASP B 115 5.07 4.02 -14.86
C ASP B 115 3.81 3.17 -15.00
N LEU B 116 3.32 2.62 -13.88
CA LEU B 116 2.16 1.74 -13.84
C LEU B 116 0.81 2.45 -14.08
N LYS B 117 0.80 3.80 -14.07
CA LYS B 117 -0.35 4.68 -14.26
C LYS B 117 -1.59 4.22 -13.42
N CYS B 118 -1.37 3.98 -12.09
CA CYS B 118 -2.38 3.59 -11.10
C CYS B 118 -3.11 4.86 -10.68
N ASP B 119 -3.97 4.80 -9.66
CA ASP B 119 -4.60 6.02 -9.18
C ASP B 119 -3.63 6.72 -8.23
N SER B 120 -2.65 5.97 -7.70
CA SER B 120 -1.62 6.42 -6.75
C SER B 120 -0.21 6.26 -7.32
N VAL B 121 0.74 7.15 -6.90
CA VAL B 121 2.13 7.19 -7.35
C VAL B 121 3.06 6.96 -6.17
N CYS B 122 4.06 6.08 -6.31
CA CYS B 122 4.99 5.88 -5.23
C CYS B 122 6.06 6.95 -5.36
N VAL B 123 6.17 7.81 -4.33
CA VAL B 123 7.16 8.86 -4.28
C VAL B 123 8.30 8.47 -3.35
N ASN B 124 8.38 7.19 -2.96
CA ASN B 124 9.49 6.72 -2.14
C ASN B 124 10.74 6.72 -3.05
N PRO B 125 11.77 7.58 -2.81
CA PRO B 125 12.93 7.63 -3.73
C PRO B 125 13.79 6.37 -3.76
N TYR B 126 13.61 5.48 -2.75
CA TYR B 126 14.33 4.22 -2.64
C TYR B 126 13.60 3.12 -3.36
N HIS B 127 12.47 3.48 -4.02
CA HIS B 127 11.70 2.56 -4.82
C HIS B 127 12.02 2.79 -6.30
N TYR B 128 13.06 3.62 -6.55
CA TYR B 128 13.57 3.95 -7.88
C TYR B 128 15.08 3.83 -7.84
N GLU B 129 15.65 3.44 -8.98
CA GLU B 129 17.10 3.33 -9.18
C GLU B 129 17.43 4.26 -10.36
N ARG B 130 18.58 4.93 -10.30
CA ARG B 130 19.01 5.82 -11.37
C ARG B 130 19.60 5.05 -12.54
N VAL B 131 19.20 5.42 -13.77
CA VAL B 131 19.65 4.81 -15.02
C VAL B 131 20.10 5.90 -16.03
ZN ZN E . 0.08 -7.87 0.70
CL CL F . -17.31 -19.35 1.59
ZN ZN G . 6.93 2.02 -4.17
#